data_7ZY0
#
_entry.id   7ZY0
#
_cell.length_a   58.679
_cell.length_b   45.828
_cell.length_c   63.283
_cell.angle_alpha   90.000
_cell.angle_beta   111.580
_cell.angle_gamma   90.000
#
_symmetry.space_group_name_H-M   'P 1 21 1'
#
loop_
_entity.id
_entity.type
_entity.pdbx_description
1 polymer 'Casein kinase II subunit alpha'
2 non-polymer 2-(5-bromanyl-1~{H}-indol-3-yl)ethanenitrile
3 non-polymer "ADENOSINE-5'-DIPHOSPHATE"
4 water water
#
_entity_poly.entity_id   1
_entity_poly.type   'polypeptide(L)'
_entity_poly.pdbx_seq_one_letter_code
;SGPVPSRARVYTDVNTHRPSEYWDYESHVVEWGNQDDYQLVRKLGRGKYSEVFEAINITNNEKVVVKILKPVAAAKIKRE
IKILENLRGGPNIITLADIVKDPVSRTPALVFEHVNNTDFKQLYQTLTDYDIRFYMYEILKALDYCHSMGIMHRDVKPHN
VMIDHEHRKLRLIDWGLAEFYHPGQEYNVRVASRYFKGPELLVDYQMYDYSLDMWSLGCMLASMIFRKEPFFHGHDNYDQ
LVRIAKVLGTEDLYDYIDKYNIELDPRFNDILGRHSRKRWERFVHSENQHLVSPEALDFLDKLLRYDHQSRLTAREAMEH
PYFYTVVK
;
_entity_poly.pdbx_strand_id   A
#
loop_
_chem_comp.id
_chem_comp.type
_chem_comp.name
_chem_comp.formula
ADP non-polymer ADENOSINE-5'-DIPHOSPHATE 'C10 H15 N5 O10 P2'
KC0 non-polymer 2-(5-bromanyl-1~{H}-indol-3-yl)ethanenitrile 'C10 H7 Br N2'
#
# COMPACT_ATOMS: atom_id res chain seq x y z
N GLY A 2 -25.17 14.20 8.25
CA GLY A 2 -23.74 14.09 8.00
C GLY A 2 -23.41 13.06 6.93
N PRO A 3 -22.15 12.58 6.85
CA PRO A 3 -21.81 11.59 5.81
C PRO A 3 -22.58 10.28 5.90
N VAL A 4 -22.85 9.67 4.73
CA VAL A 4 -23.52 8.39 4.58
C VAL A 4 -22.45 7.33 4.95
N PRO A 5 -22.80 6.28 5.70
CA PRO A 5 -21.80 5.25 6.02
C PRO A 5 -21.44 4.36 4.82
N SER A 6 -20.32 3.64 4.96
CA SER A 6 -19.84 2.76 3.94
C SER A 6 -19.25 1.55 4.59
N ARG A 7 -19.28 0.43 3.87
CA ARG A 7 -18.60 -0.77 4.30
C ARG A 7 -18.01 -1.48 3.08
N ALA A 8 -16.96 -2.24 3.32
CA ALA A 8 -16.32 -2.99 2.25
C ALA A 8 -17.34 -3.95 1.63
N ARG A 9 -17.13 -4.26 0.35
CA ARG A 9 -18.02 -5.23 -0.36
C ARG A 9 -17.45 -6.66 -0.27
N VAL A 10 -16.27 -6.81 0.33
CA VAL A 10 -15.68 -8.12 0.55
C VAL A 10 -15.06 -8.12 1.96
N TYR A 11 -14.88 -9.30 2.52
CA TYR A 11 -14.17 -9.47 3.80
C TYR A 11 -14.66 -8.54 4.89
N THR A 12 -15.96 -8.28 4.89
CA THR A 12 -16.56 -7.42 5.86
C THR A 12 -16.50 -8.00 7.28
N ASP A 13 -16.74 -9.32 7.42
CA ASP A 13 -16.92 -10.06 8.67
C ASP A 13 -15.69 -10.76 9.22
N VAL A 14 -14.53 -10.61 8.56
CA VAL A 14 -13.36 -11.37 8.95
C VAL A 14 -13.03 -11.20 10.43
N ASN A 15 -12.91 -9.96 10.91
CA ASN A 15 -12.49 -9.71 12.30
C ASN A 15 -13.55 -10.07 13.34
N THR A 16 -14.83 -10.04 12.99
CA THR A 16 -15.83 -10.46 13.99
C THR A 16 -15.85 -11.96 14.19
N HIS A 17 -15.43 -12.71 13.18
CA HIS A 17 -15.45 -14.21 13.26
C HIS A 17 -14.13 -14.79 13.77
N ARG A 18 -13.10 -13.97 13.88
CA ARG A 18 -11.81 -14.42 14.46
C ARG A 18 -11.90 -14.23 15.99
N PRO A 19 -11.05 -14.93 16.78
CA PRO A 19 -11.02 -14.69 18.21
C PRO A 19 -10.59 -13.23 18.42
N SER A 20 -10.98 -12.64 19.53
CA SER A 20 -10.59 -11.24 19.84
C SER A 20 -9.05 -11.11 19.85
N GLU A 21 -8.38 -12.17 20.26
CA GLU A 21 -6.90 -12.16 20.34
C GLU A 21 -6.33 -11.80 18.97
N TYR A 22 -7.08 -12.07 17.92
CA TYR A 22 -6.53 -11.82 16.56
C TYR A 22 -6.35 -10.32 16.27
N TRP A 23 -7.33 -9.49 16.62
CA TRP A 23 -7.29 -8.05 16.24
C TRP A 23 -7.10 -7.10 17.41
N ASP A 24 -7.27 -7.59 18.64
CA ASP A 24 -7.08 -6.76 19.85
C ASP A 24 -5.59 -6.66 20.12
N TYR A 25 -4.87 -5.84 19.35
CA TYR A 25 -3.39 -5.78 19.43
C TYR A 25 -2.91 -5.25 20.79
N GLU A 26 -3.71 -4.42 21.46
CA GLU A 26 -3.32 -3.85 22.78
C GLU A 26 -3.14 -4.93 23.84
N SER A 27 -3.91 -6.03 23.75
CA SER A 27 -3.84 -7.12 24.72
C SER A 27 -2.74 -8.13 24.45
N HIS A 28 -2.13 -8.08 23.24
CA HIS A 28 -1.07 -9.00 22.81
C HIS A 28 0.19 -8.91 23.66
N VAL A 29 0.67 -10.06 24.14
CA VAL A 29 1.90 -10.08 24.93
C VAL A 29 3.06 -10.44 23.99
N VAL A 30 4.01 -9.50 23.83
CA VAL A 30 5.17 -9.67 22.97
C VAL A 30 6.17 -10.67 23.54
N GLU A 31 6.56 -11.67 22.73
CA GLU A 31 7.59 -12.63 23.08
C GLU A 31 8.91 -12.01 22.58
N TRP A 32 9.85 -11.78 23.50
CA TRP A 32 11.14 -11.14 23.18
C TRP A 32 12.25 -12.15 22.93
N GLY A 33 13.01 -11.92 21.86
CA GLY A 33 14.15 -12.73 21.47
C GLY A 33 15.44 -12.20 22.08
N ASN A 34 16.57 -12.77 21.68
CA ASN A 34 17.90 -12.40 22.17
C ASN A 34 18.54 -11.31 21.30
N GLN A 35 18.65 -10.07 21.81
CA GLN A 35 19.29 -8.99 21.05
C GLN A 35 20.75 -9.34 20.61
N ASP A 36 21.51 -10.15 21.41
CA ASP A 36 22.89 -10.51 21.05
C ASP A 36 23.02 -11.41 19.83
N ASP A 37 21.89 -12.00 19.38
CA ASP A 37 21.91 -12.82 18.16
C ASP A 37 22.16 -11.96 16.92
N TYR A 38 22.00 -10.62 17.05
CA TYR A 38 22.09 -9.75 15.89
C TYR A 38 23.21 -8.75 16.00
N GLN A 39 24.07 -8.70 14.97
CA GLN A 39 25.16 -7.73 14.90
C GLN A 39 24.84 -6.74 13.80
N LEU A 40 24.68 -5.46 14.17
CA LEU A 40 24.38 -4.43 13.17
C LEU A 40 25.58 -4.24 12.26
N VAL A 41 25.34 -4.14 10.97
CA VAL A 41 26.39 -4.02 9.96
C VAL A 41 26.46 -2.62 9.39
N ARG A 42 25.33 -2.08 8.88
CA ARG A 42 25.30 -0.74 8.32
C ARG A 42 23.91 -0.15 8.37
N LYS A 43 23.87 1.15 8.58
CA LYS A 43 22.57 1.84 8.53
C LYS A 43 22.10 1.91 7.09
N LEU A 44 20.86 1.53 6.85
CA LEU A 44 20.27 1.60 5.51
C LEU A 44 19.41 2.86 5.33
N GLY A 45 18.81 3.33 6.41
CA GLY A 45 17.95 4.50 6.34
C GLY A 45 17.34 4.88 7.66
N ARG A 46 16.74 6.07 7.65
CA ARG A 46 16.01 6.57 8.83
C ARG A 46 14.75 7.29 8.34
N GLY A 47 13.63 7.02 8.97
CA GLY A 47 12.36 7.67 8.65
C GLY A 47 11.81 8.38 9.86
N LYS A 48 10.51 8.72 9.82
CA LYS A 48 9.84 9.41 10.92
C LYS A 48 9.67 8.49 12.12
N TYR A 49 9.51 7.18 11.85
CA TYR A 49 9.20 6.21 12.89
C TYR A 49 10.29 5.21 13.24
N SER A 50 11.35 5.06 12.42
CA SER A 50 12.38 4.07 12.74
C SER A 50 13.71 4.32 12.03
N GLU A 51 14.76 3.63 12.49
CA GLU A 51 16.07 3.58 11.87
C GLU A 51 16.18 2.14 11.38
N VAL A 52 16.61 1.94 10.15
CA VAL A 52 16.69 0.63 9.52
C VAL A 52 18.16 0.25 9.28
N PHE A 53 18.53 -0.97 9.70
CA PHE A 53 19.90 -1.46 9.59
C PHE A 53 20.00 -2.79 8.90
N GLU A 54 21.10 -3.01 8.17
CA GLU A 54 21.42 -4.32 7.66
C GLU A 54 22.18 -4.96 8.83
N ALA A 55 21.90 -6.22 9.13
CA ALA A 55 22.55 -6.93 10.23
C ALA A 55 22.77 -8.38 9.87
N ILE A 56 23.46 -9.10 10.74
CA ILE A 56 23.73 -10.52 10.56
C ILE A 56 23.20 -11.22 11.80
N ASN A 57 22.51 -12.35 11.57
CA ASN A 57 22.03 -13.21 12.63
C ASN A 57 23.20 -14.14 12.86
N ILE A 58 23.90 -13.96 13.98
CA ILE A 58 25.14 -14.74 14.25
C ILE A 58 24.86 -16.21 14.64
N THR A 59 23.59 -16.61 14.81
CA THR A 59 23.25 -18.01 15.12
C THR A 59 23.18 -18.83 13.81
N ASN A 60 23.22 -18.17 12.63
CA ASN A 60 23.17 -18.87 11.33
C ASN A 60 23.93 -18.14 10.22
N ASN A 61 24.61 -17.01 10.54
CA ASN A 61 25.37 -16.16 9.62
C ASN A 61 24.52 -15.61 8.47
N GLU A 62 23.19 -15.56 8.64
CA GLU A 62 22.28 -15.04 7.61
C GLU A 62 22.02 -13.56 7.80
N LYS A 63 21.86 -12.84 6.68
CA LYS A 63 21.58 -11.42 6.69
C LYS A 63 20.15 -11.18 7.16
N VAL A 64 19.94 -10.12 7.91
CA VAL A 64 18.60 -9.73 8.36
C VAL A 64 18.51 -8.21 8.26
N VAL A 65 17.30 -7.67 8.39
CA VAL A 65 17.11 -6.23 8.42
C VAL A 65 16.52 -5.92 9.78
N VAL A 66 17.09 -4.93 10.46
CA VAL A 66 16.61 -4.56 11.82
C VAL A 66 15.95 -3.18 11.76
N LYS A 67 14.69 -3.08 12.15
CA LYS A 67 13.98 -1.78 12.19
C LYS A 67 13.87 -1.37 13.67
N ILE A 68 14.72 -0.44 14.09
CA ILE A 68 14.69 0.03 15.51
C ILE A 68 13.66 1.16 15.59
N LEU A 69 12.55 0.89 16.29
CA LEU A 69 11.45 1.88 16.32
C LEU A 69 11.82 3.10 17.14
N LYS A 70 11.45 4.28 16.65
CA LYS A 70 11.67 5.53 17.42
C LYS A 70 10.64 5.59 18.56
N PRO A 71 10.91 6.32 19.66
CA PRO A 71 9.93 6.48 20.73
C PRO A 71 8.62 7.04 20.15
N VAL A 72 7.58 6.22 20.07
CA VAL A 72 6.29 6.64 19.47
C VAL A 72 5.15 5.99 20.27
N ALA A 73 3.91 6.39 20.02
CA ALA A 73 2.74 5.77 20.70
C ALA A 73 2.91 4.25 20.71
N ALA A 74 3.00 3.65 21.91
CA ALA A 74 3.11 2.19 22.03
C ALA A 74 2.02 1.42 21.29
N ALA A 75 0.83 2.03 21.09
CA ALA A 75 -0.29 1.41 20.39
C ALA A 75 0.08 1.10 18.92
N LYS A 76 0.81 2.03 18.25
CA LYS A 76 1.27 1.86 16.88
C LYS A 76 2.23 0.68 16.75
N ILE A 77 3.13 0.48 17.74
CA ILE A 77 4.12 -0.62 17.72
C ILE A 77 3.47 -1.98 17.90
N LYS A 78 2.57 -2.13 18.90
CA LYS A 78 1.89 -3.43 19.14
C LYS A 78 0.99 -3.79 17.93
N ARG A 79 0.46 -2.78 17.27
CA ARG A 79 -0.39 -2.98 16.10
C ARG A 79 0.44 -3.56 14.95
N GLU A 80 1.62 -2.96 14.67
CA GLU A 80 2.48 -3.46 13.60
C GLU A 80 2.92 -4.90 13.89
N ILE A 81 3.33 -5.15 15.17
CA ILE A 81 3.77 -6.50 15.53
C ILE A 81 2.63 -7.55 15.31
N LYS A 82 1.42 -7.22 15.80
CA LYS A 82 0.27 -8.13 15.67
C LYS A 82 -0.07 -8.40 14.20
N ILE A 83 -0.05 -7.36 13.37
CA ILE A 83 -0.33 -7.53 11.94
C ILE A 83 0.74 -8.43 11.27
N LEU A 84 2.03 -8.16 11.56
CA LEU A 84 3.11 -8.95 11.00
C LEU A 84 3.01 -10.41 11.42
N GLU A 85 2.66 -10.66 12.70
CA GLU A 85 2.53 -12.05 13.17
C GLU A 85 1.30 -12.71 12.51
N ASN A 86 0.18 -11.98 12.41
CA ASN A 86 -1.04 -12.50 11.76
C ASN A 86 -0.80 -12.89 10.30
N LEU A 87 -0.01 -12.07 9.57
CA LEU A 87 0.24 -12.31 8.16
C LEU A 87 1.46 -13.17 7.83
N ARG A 88 2.27 -13.54 8.84
CA ARG A 88 3.51 -14.26 8.59
C ARG A 88 3.26 -15.54 7.82
N GLY A 89 4.10 -15.75 6.81
CA GLY A 89 3.99 -16.92 5.95
C GLY A 89 3.04 -16.74 4.77
N GLY A 90 2.29 -15.64 4.75
CA GLY A 90 1.37 -15.37 3.64
C GLY A 90 2.11 -15.06 2.35
N PRO A 91 1.42 -15.15 1.19
CA PRO A 91 2.10 -14.90 -0.08
C PRO A 91 2.68 -13.50 -0.21
N ASN A 92 4.02 -13.46 -0.39
CA ASN A 92 4.72 -12.21 -0.64
C ASN A 92 4.67 -11.20 0.50
N ILE A 93 4.35 -11.67 1.74
CA ILE A 93 4.36 -10.79 2.90
C ILE A 93 5.76 -10.89 3.54
N ILE A 94 6.41 -9.75 3.87
CA ILE A 94 7.71 -9.78 4.53
C ILE A 94 7.59 -10.59 5.83
N THR A 95 8.62 -11.44 6.09
CA THR A 95 8.63 -12.28 7.29
C THR A 95 9.29 -11.59 8.47
N LEU A 96 8.53 -11.43 9.55
CA LEU A 96 9.06 -10.94 10.81
C LEU A 96 9.77 -12.14 11.47
N ALA A 97 11.11 -12.08 11.54
CA ALA A 97 11.94 -13.17 12.08
C ALA A 97 12.05 -13.13 13.60
N ASP A 98 12.03 -11.94 14.19
CA ASP A 98 12.20 -11.78 15.64
C ASP A 98 11.83 -10.37 16.10
N ILE A 99 11.71 -10.20 17.42
CA ILE A 99 11.45 -8.93 18.06
C ILE A 99 12.38 -8.93 19.27
N VAL A 100 13.21 -7.89 19.38
CA VAL A 100 14.18 -7.76 20.49
C VAL A 100 14.09 -6.34 21.05
N LYS A 101 14.60 -6.12 22.27
CA LYS A 101 14.65 -4.80 22.89
C LYS A 101 16.04 -4.28 22.54
N ASP A 102 16.12 -3.13 21.82
CA ASP A 102 17.42 -2.58 21.46
C ASP A 102 18.06 -2.02 22.73
N PRO A 103 19.34 -2.40 23.01
CA PRO A 103 19.97 -1.97 24.26
C PRO A 103 20.27 -0.48 24.32
N VAL A 104 20.41 0.18 23.15
CA VAL A 104 20.72 1.62 23.11
C VAL A 104 19.46 2.47 23.16
N SER A 105 18.51 2.24 22.24
CA SER A 105 17.27 3.03 22.16
C SER A 105 16.29 2.74 23.29
N ARG A 106 16.36 1.54 23.86
CA ARG A 106 15.40 1.10 24.91
C ARG A 106 14.02 0.94 24.27
N THR A 107 14.00 0.68 22.96
CA THR A 107 12.73 0.51 22.23
C THR A 107 12.75 -0.82 21.48
N PRO A 108 11.59 -1.30 20.96
CA PRO A 108 11.56 -2.54 20.21
C PRO A 108 12.29 -2.45 18.87
N ALA A 109 12.98 -3.52 18.50
CA ALA A 109 13.65 -3.63 17.22
C ALA A 109 13.06 -4.85 16.53
N LEU A 110 12.39 -4.60 15.39
CA LEU A 110 11.80 -5.69 14.62
C LEU A 110 12.85 -6.22 13.65
N VAL A 111 13.04 -7.54 13.64
CA VAL A 111 13.99 -8.23 12.80
C VAL A 111 13.25 -8.90 11.65
N PHE A 112 13.60 -8.57 10.42
CA PHE A 112 12.95 -9.11 9.22
C PHE A 112 13.91 -9.92 8.40
N GLU A 113 13.36 -10.81 7.58
CA GLU A 113 14.16 -11.54 6.60
C GLU A 113 14.76 -10.50 5.67
N HIS A 114 15.95 -10.80 5.17
CA HIS A 114 16.60 -9.85 4.28
C HIS A 114 16.18 -10.17 2.84
N VAL A 115 15.95 -9.13 2.05
CA VAL A 115 15.65 -9.28 0.63
C VAL A 115 16.83 -8.61 -0.08
N ASN A 116 17.53 -9.34 -0.94
CA ASN A 116 18.63 -8.80 -1.78
C ASN A 116 17.91 -8.06 -2.93
N ASN A 117 17.39 -6.88 -2.60
CA ASN A 117 16.51 -6.14 -3.49
C ASN A 117 17.23 -5.37 -4.58
N THR A 118 16.58 -5.37 -5.74
CA THR A 118 17.02 -4.66 -6.93
C THR A 118 16.74 -3.20 -6.67
N ASP A 119 17.67 -2.33 -7.09
CA ASP A 119 17.54 -0.90 -6.91
C ASP A 119 16.23 -0.39 -7.50
N PHE A 120 15.54 0.51 -6.77
CA PHE A 120 14.25 1.08 -7.17
C PHE A 120 14.30 1.71 -8.56
N LYS A 121 15.35 2.54 -8.82
CA LYS A 121 15.48 3.23 -10.11
C LYS A 121 15.58 2.24 -11.25
N GLN A 122 16.37 1.16 -11.08
CA GLN A 122 16.56 0.10 -12.06
C GLN A 122 15.25 -0.60 -12.32
N LEU A 123 14.46 -0.87 -11.27
CA LEU A 123 13.16 -1.47 -11.48
C LEU A 123 12.27 -0.54 -12.33
N TYR A 124 12.14 0.73 -11.91
CA TYR A 124 11.31 1.70 -12.64
C TYR A 124 11.75 1.81 -14.11
N GLN A 125 13.05 1.86 -14.34
CA GLN A 125 13.55 2.07 -15.69
C GLN A 125 13.59 0.87 -16.60
N THR A 126 13.74 -0.35 -16.06
CA THR A 126 13.97 -1.50 -16.92
C THR A 126 12.92 -2.62 -16.84
N LEU A 127 11.97 -2.60 -15.87
CA LEU A 127 11.02 -3.69 -15.92
C LEU A 127 10.25 -3.65 -17.26
N THR A 128 10.07 -4.79 -17.87
CA THR A 128 9.37 -4.87 -19.17
C THR A 128 7.84 -4.94 -19.00
N ASP A 129 7.09 -4.89 -20.13
CA ASP A 129 5.63 -5.06 -20.08
C ASP A 129 5.31 -6.36 -19.34
N TYR A 130 5.98 -7.46 -19.74
CA TYR A 130 5.70 -8.73 -19.10
C TYR A 130 6.01 -8.68 -17.59
N ASP A 131 7.15 -8.05 -17.22
CA ASP A 131 7.56 -7.97 -15.81
C ASP A 131 6.54 -7.15 -15.02
N ILE A 132 5.99 -6.07 -15.62
CA ILE A 132 5.02 -5.27 -14.85
C ILE A 132 3.78 -6.14 -14.54
N ARG A 133 3.31 -6.90 -15.54
CA ARG A 133 2.17 -7.76 -15.32
C ARG A 133 2.48 -8.83 -14.27
N PHE A 134 3.63 -9.47 -14.41
CA PHE A 134 4.06 -10.53 -13.49
C PHE A 134 4.10 -10.00 -12.07
N TYR A 135 4.82 -8.88 -11.85
CA TYR A 135 4.97 -8.35 -10.49
C TYR A 135 3.69 -7.71 -9.94
N MET A 136 2.83 -7.13 -10.80
CA MET A 136 1.55 -6.67 -10.31
C MET A 136 0.71 -7.83 -9.80
N TYR A 137 0.78 -8.98 -10.46
CA TYR A 137 0.04 -10.18 -10.05
C TYR A 137 0.57 -10.64 -8.69
N GLU A 138 1.89 -10.56 -8.49
CA GLU A 138 2.49 -10.92 -7.22
C GLU A 138 2.04 -9.96 -6.09
N ILE A 139 1.95 -8.64 -6.39
CA ILE A 139 1.46 -7.68 -5.36
C ILE A 139 -0.01 -8.04 -5.02
N LEU A 140 -0.82 -8.39 -6.04
CA LEU A 140 -2.22 -8.72 -5.78
C LEU A 140 -2.32 -9.94 -4.86
N LYS A 141 -1.41 -10.91 -4.98
CA LYS A 141 -1.48 -12.05 -4.06
C LYS A 141 -1.31 -11.54 -2.60
N ALA A 142 -0.36 -10.61 -2.38
CA ALA A 142 -0.11 -10.07 -1.04
C ALA A 142 -1.31 -9.28 -0.57
N LEU A 143 -1.90 -8.43 -1.45
CA LEU A 143 -3.05 -7.64 -1.05
C LEU A 143 -4.29 -8.51 -0.80
N ASP A 144 -4.60 -9.47 -1.68
CA ASP A 144 -5.79 -10.27 -1.38
C ASP A 144 -5.54 -11.02 -0.08
N TYR A 145 -4.29 -11.47 0.17
CA TYR A 145 -4.08 -12.21 1.41
C TYR A 145 -4.35 -11.30 2.61
N CYS A 146 -3.69 -10.10 2.65
CA CYS A 146 -3.90 -9.29 3.84
C CYS A 146 -5.37 -8.82 4.00
N HIS A 147 -6.01 -8.46 2.86
CA HIS A 147 -7.41 -8.07 2.94
C HIS A 147 -8.30 -9.26 3.45
N SER A 148 -7.99 -10.48 2.98
CA SER A 148 -8.77 -11.68 3.40
C SER A 148 -8.55 -11.94 4.88
N MET A 149 -7.45 -11.40 5.40
CA MET A 149 -7.09 -11.56 6.79
C MET A 149 -7.54 -10.33 7.60
N GLY A 150 -8.43 -9.51 7.02
CA GLY A 150 -9.01 -8.37 7.73
C GLY A 150 -8.08 -7.21 8.01
N ILE A 151 -7.07 -7.04 7.13
CA ILE A 151 -6.08 -5.98 7.31
C ILE A 151 -5.92 -5.18 6.03
N MET A 152 -5.81 -3.85 6.21
CA MET A 152 -5.51 -2.98 5.05
C MET A 152 -4.09 -2.43 5.26
N HIS A 153 -3.29 -2.37 4.20
CA HIS A 153 -1.88 -1.92 4.31
C HIS A 153 -1.83 -0.40 4.51
N ARG A 154 -2.52 0.37 3.67
CA ARG A 154 -2.63 1.86 3.84
C ARG A 154 -1.32 2.59 3.50
N ASP A 155 -0.33 1.90 2.94
CA ASP A 155 0.91 2.61 2.50
C ASP A 155 1.48 1.89 1.28
N VAL A 156 0.60 1.50 0.35
CA VAL A 156 1.07 0.87 -0.90
C VAL A 156 1.75 1.93 -1.78
N LYS A 157 3.01 1.71 -2.11
CA LYS A 157 3.80 2.61 -2.94
C LYS A 157 5.03 1.83 -3.36
N PRO A 158 5.74 2.28 -4.41
CA PRO A 158 6.87 1.47 -4.90
C PRO A 158 7.98 1.19 -3.89
N HIS A 159 8.27 2.12 -2.98
CA HIS A 159 9.40 1.86 -2.05
C HIS A 159 8.99 0.83 -0.99
N ASN A 160 7.69 0.50 -0.89
CA ASN A 160 7.22 -0.51 0.09
C ASN A 160 7.03 -1.85 -0.62
N VAL A 161 7.41 -1.92 -1.89
CA VAL A 161 7.37 -3.22 -2.61
C VAL A 161 8.82 -3.51 -3.00
N MET A 162 9.40 -4.51 -2.37
CA MET A 162 10.76 -4.92 -2.66
CA MET A 162 10.76 -4.92 -2.68
C MET A 162 10.78 -6.03 -3.70
N ILE A 163 11.72 -5.96 -4.66
CA ILE A 163 11.85 -7.01 -5.65
C ILE A 163 13.31 -7.45 -5.70
N ASP A 164 13.54 -8.77 -5.61
CA ASP A 164 14.85 -9.36 -5.86
C ASP A 164 14.61 -9.94 -7.26
N HIS A 165 14.94 -9.15 -8.28
CA HIS A 165 14.64 -9.45 -9.67
C HIS A 165 15.28 -10.75 -10.20
N GLU A 166 16.48 -11.12 -9.70
CA GLU A 166 17.16 -12.35 -10.11
C GLU A 166 16.33 -13.59 -9.77
N HIS A 167 15.67 -13.56 -8.60
CA HIS A 167 14.87 -14.67 -8.10
C HIS A 167 13.35 -14.49 -8.30
N ARG A 168 12.93 -13.47 -9.11
CA ARG A 168 11.50 -13.19 -9.41
C ARG A 168 10.70 -13.18 -8.09
N LYS A 169 11.31 -12.64 -7.04
CA LYS A 169 10.79 -12.62 -5.66
C LYS A 169 10.37 -11.22 -5.25
N LEU A 170 9.13 -11.11 -4.79
CA LEU A 170 8.57 -9.82 -4.38
C LEU A 170 8.14 -9.88 -2.92
N ARG A 171 8.31 -8.76 -2.18
CA ARG A 171 7.81 -8.69 -0.80
C ARG A 171 7.19 -7.36 -0.56
N LEU A 172 6.00 -7.38 0.07
CA LEU A 172 5.33 -6.14 0.51
C LEU A 172 5.82 -5.84 1.93
N ILE A 173 6.40 -4.66 2.14
CA ILE A 173 7.01 -4.35 3.47
C ILE A 173 6.38 -3.13 4.11
N ASP A 174 6.89 -2.72 5.27
CA ASP A 174 6.44 -1.48 5.97
C ASP A 174 4.95 -1.55 6.34
N TRP A 175 4.63 -2.36 7.35
CA TRP A 175 3.23 -2.51 7.81
C TRP A 175 2.95 -1.59 9.00
N GLY A 176 3.77 -0.55 9.19
CA GLY A 176 3.60 0.39 10.30
C GLY A 176 2.35 1.25 10.21
N LEU A 177 1.76 1.40 9.01
CA LEU A 177 0.48 2.16 8.89
C LEU A 177 -0.69 1.19 8.71
N ALA A 178 -0.43 -0.12 8.69
CA ALA A 178 -1.50 -1.11 8.45
C ALA A 178 -2.50 -1.09 9.60
N GLU A 179 -3.77 -1.39 9.29
CA GLU A 179 -4.81 -1.38 10.32
C GLU A 179 -5.79 -2.54 10.11
N PHE A 180 -6.42 -2.99 11.18
CA PHE A 180 -7.49 -3.98 11.08
C PHE A 180 -8.77 -3.25 10.59
N TYR A 181 -9.47 -3.89 9.61
CA TYR A 181 -10.70 -3.35 9.08
C TYR A 181 -11.88 -3.84 9.92
N HIS A 182 -12.65 -2.91 10.43
CA HIS A 182 -13.82 -3.20 11.25
C HIS A 182 -14.93 -2.39 10.61
N PRO A 183 -15.99 -3.04 10.10
CA PRO A 183 -17.08 -2.29 9.46
C PRO A 183 -17.62 -1.18 10.36
N GLY A 184 -17.78 0.00 9.77
CA GLY A 184 -18.30 1.17 10.47
C GLY A 184 -17.28 2.00 11.20
N GLN A 185 -16.03 1.54 11.27
CA GLN A 185 -14.98 2.27 11.96
C GLN A 185 -14.51 3.48 11.14
N GLU A 186 -14.33 4.59 11.84
CA GLU A 186 -13.82 5.80 11.22
C GLU A 186 -12.33 5.84 11.45
N TYR A 187 -11.57 5.89 10.37
CA TYR A 187 -10.14 5.84 10.43
C TYR A 187 -9.51 7.18 10.19
N ASN A 188 -8.23 7.29 10.55
CA ASN A 188 -7.48 8.50 10.32
C ASN A 188 -7.19 8.58 8.81
N VAL A 189 -7.44 9.74 8.18
CA VAL A 189 -7.19 9.92 6.75
C VAL A 189 -5.72 10.26 6.49
N ARG A 190 -4.96 10.53 7.56
CA ARG A 190 -3.53 10.89 7.41
C ARG A 190 -2.71 9.60 7.23
N VAL A 191 -2.99 8.86 6.16
CA VAL A 191 -2.24 7.60 5.87
C VAL A 191 -1.82 7.64 4.40
N ALA A 192 -0.97 6.70 3.99
CA ALA A 192 -0.47 6.63 2.59
C ALA A 192 0.44 7.82 2.27
N SER A 193 1.23 7.70 1.21
CA SER A 193 2.08 8.82 0.76
C SER A 193 1.25 9.72 -0.16
N ARG A 194 1.55 11.02 -0.20
CA ARG A 194 0.69 11.99 -0.95
C ARG A 194 0.28 11.50 -2.34
N TYR A 195 1.23 11.03 -3.16
CA TYR A 195 0.89 10.69 -4.57
C TYR A 195 0.00 9.45 -4.65
N PHE A 196 -0.07 8.66 -3.57
CA PHE A 196 -0.84 7.38 -3.59
C PHE A 196 -2.09 7.48 -2.71
N LYS A 197 -2.36 8.66 -2.17
CA LYS A 197 -3.56 8.87 -1.31
C LYS A 197 -4.83 8.74 -2.17
N GLY A 198 -5.78 7.93 -1.71
CA GLY A 198 -7.06 7.79 -2.43
C GLY A 198 -7.93 9.03 -2.27
N PRO A 199 -8.86 9.30 -3.21
CA PRO A 199 -9.79 10.43 -3.08
C PRO A 199 -10.51 10.43 -1.73
N GLU A 200 -10.76 9.25 -1.14
CA GLU A 200 -11.49 9.21 0.15
C GLU A 200 -10.68 9.98 1.21
N LEU A 201 -9.37 9.81 1.21
CA LEU A 201 -8.50 10.52 2.18
C LEU A 201 -8.48 12.01 1.85
N LEU A 202 -8.43 12.36 0.57
CA LEU A 202 -8.29 13.79 0.15
C LEU A 202 -9.57 14.58 0.43
N VAL A 203 -10.72 13.91 0.47
CA VAL A 203 -12.00 14.59 0.76
C VAL A 203 -12.42 14.38 2.21
N ASP A 204 -11.55 13.77 3.02
CA ASP A 204 -11.73 13.57 4.46
C ASP A 204 -12.89 12.63 4.80
N TYR A 205 -13.04 11.54 4.03
CA TYR A 205 -14.06 10.52 4.28
C TYR A 205 -13.40 9.40 5.09
N GLN A 206 -13.75 9.29 6.39
CA GLN A 206 -13.06 8.38 7.29
C GLN A 206 -13.49 6.91 7.26
N MET A 207 -14.66 6.60 6.68
CA MET A 207 -15.15 5.21 6.78
C MET A 207 -14.69 4.39 5.57
N TYR A 208 -13.38 4.37 5.35
CA TYR A 208 -12.79 3.70 4.19
C TYR A 208 -12.40 2.25 4.52
N ASP A 209 -11.84 1.53 3.52
CA ASP A 209 -11.60 0.12 3.71
C ASP A 209 -10.44 -0.36 2.85
N TYR A 210 -10.34 -1.67 2.64
CA TYR A 210 -9.28 -2.30 1.84
C TYR A 210 -9.10 -1.62 0.46
N SER A 211 -10.20 -1.10 -0.13
CA SER A 211 -10.17 -0.53 -1.47
C SER A 211 -9.24 0.69 -1.58
N LEU A 212 -8.81 1.26 -0.43
CA LEU A 212 -7.80 2.34 -0.48
C LEU A 212 -6.51 1.77 -1.11
N ASP A 213 -6.15 0.52 -0.76
CA ASP A 213 -4.93 -0.07 -1.31
C ASP A 213 -5.00 -0.25 -2.82
N MET A 214 -6.22 -0.48 -3.37
CA MET A 214 -6.39 -0.69 -4.78
C MET A 214 -6.19 0.62 -5.54
N TRP A 215 -6.61 1.76 -4.94
CA TRP A 215 -6.32 3.07 -5.54
C TRP A 215 -4.79 3.25 -5.61
N SER A 216 -4.11 3.01 -4.47
CA SER A 216 -2.66 3.18 -4.41
C SER A 216 -1.97 2.31 -5.45
N LEU A 217 -2.43 1.07 -5.60
CA LEU A 217 -1.87 0.15 -6.62
C LEU A 217 -2.09 0.74 -8.01
N GLY A 218 -3.28 1.32 -8.28
CA GLY A 218 -3.51 1.93 -9.58
C GLY A 218 -2.55 3.08 -9.86
N CYS A 219 -2.24 3.89 -8.83
CA CYS A 219 -1.28 5.00 -9.00
C CYS A 219 0.10 4.42 -9.39
N MET A 220 0.48 3.30 -8.75
CA MET A 220 1.77 2.67 -9.03
CA MET A 220 1.77 2.67 -9.07
C MET A 220 1.76 2.18 -10.50
N LEU A 221 0.67 1.51 -10.90
CA LEU A 221 0.60 0.98 -12.25
C LEU A 221 0.64 2.11 -13.27
N ALA A 222 -0.15 3.18 -13.05
CA ALA A 222 -0.18 4.29 -14.02
C ALA A 222 1.23 4.88 -14.21
N SER A 223 1.95 5.05 -13.12
CA SER A 223 3.31 5.60 -13.21
C SER A 223 4.21 4.69 -14.03
N MET A 224 4.11 3.40 -13.79
CA MET A 224 4.95 2.44 -14.52
C MET A 224 4.63 2.36 -15.99
N ILE A 225 3.35 2.23 -16.36
CA ILE A 225 3.01 2.02 -17.77
C ILE A 225 3.14 3.31 -18.59
N PHE A 226 2.83 4.45 -17.98
CA PHE A 226 2.92 5.72 -18.69
C PHE A 226 4.25 6.41 -18.57
N ARG A 227 5.16 5.89 -17.73
CA ARG A 227 6.50 6.49 -17.56
C ARG A 227 6.39 7.90 -17.03
N LYS A 228 5.64 8.06 -15.95
CA LYS A 228 5.38 9.35 -15.35
C LYS A 228 5.45 9.15 -13.87
N GLU A 229 6.49 9.69 -13.25
CA GLU A 229 6.75 9.47 -11.84
C GLU A 229 6.63 10.78 -11.07
N PRO A 230 5.62 10.96 -10.22
CA PRO A 230 4.46 10.09 -9.96
C PRO A 230 3.41 10.38 -11.03
N PHE A 231 2.35 9.57 -11.10
CA PHE A 231 1.34 9.86 -12.11
C PHE A 231 0.53 11.13 -11.72
N PHE A 232 0.07 11.20 -10.46
CA PHE A 232 -0.71 12.35 -9.95
C PHE A 232 0.24 13.13 -9.06
N HIS A 233 0.81 14.22 -9.61
CA HIS A 233 1.87 14.97 -8.99
C HIS A 233 1.40 16.25 -8.27
N GLY A 234 0.70 16.07 -7.15
CA GLY A 234 0.21 17.18 -6.35
C GLY A 234 1.29 17.90 -5.58
N HIS A 235 1.16 19.22 -5.49
CA HIS A 235 2.11 20.06 -4.72
C HIS A 235 1.85 19.93 -3.20
N ASP A 236 0.61 19.52 -2.83
CA ASP A 236 0.15 19.32 -1.47
C ASP A 236 -1.12 18.45 -1.54
N ASN A 237 -1.76 18.10 -0.40
CA ASN A 237 -2.94 17.23 -0.41
C ASN A 237 -4.13 17.83 -1.13
N TYR A 238 -4.22 19.17 -1.24
CA TYR A 238 -5.33 19.79 -1.94
C TYR A 238 -5.09 19.73 -3.44
N ASP A 239 -3.89 20.13 -3.87
CA ASP A 239 -3.57 20.09 -5.28
C ASP A 239 -3.55 18.64 -5.78
N GLN A 240 -3.32 17.70 -4.85
CA GLN A 240 -3.34 16.27 -5.20
C GLN A 240 -4.72 15.88 -5.75
N LEU A 241 -5.80 16.37 -5.12
CA LEU A 241 -7.14 16.08 -5.62
C LEU A 241 -7.38 16.78 -6.95
N VAL A 242 -6.87 18.01 -7.13
CA VAL A 242 -7.04 18.71 -8.42
C VAL A 242 -6.33 17.92 -9.53
N ARG A 243 -5.14 17.40 -9.24
CA ARG A 243 -4.40 16.60 -10.25
C ARG A 243 -5.21 15.38 -10.68
N ILE A 244 -5.89 14.74 -9.70
CA ILE A 244 -6.75 13.60 -10.01
C ILE A 244 -7.93 14.06 -10.87
N ALA A 245 -8.55 15.18 -10.47
CA ALA A 245 -9.72 15.68 -11.18
C ALA A 245 -9.41 16.13 -12.62
N LYS A 246 -8.16 16.56 -12.89
CA LYS A 246 -7.76 16.87 -14.26
C LYS A 246 -7.74 15.62 -15.18
N VAL A 247 -7.70 14.43 -14.59
CA VAL A 247 -7.70 13.20 -15.37
C VAL A 247 -9.06 12.55 -15.33
N LEU A 248 -9.63 12.35 -14.11
CA LEU A 248 -10.90 11.62 -13.99
C LEU A 248 -12.13 12.51 -14.17
N GLY A 249 -11.91 13.82 -14.15
CA GLY A 249 -12.99 14.78 -14.31
C GLY A 249 -13.63 15.22 -13.02
N THR A 250 -14.25 16.40 -13.05
CA THR A 250 -14.94 16.86 -11.85
C THR A 250 -16.35 16.34 -11.65
N GLU A 251 -17.08 15.97 -12.72
CA GLU A 251 -18.48 15.52 -12.58
C GLU A 251 -18.55 14.24 -11.76
N ASP A 252 -17.64 13.26 -12.04
CA ASP A 252 -17.66 12.04 -11.23
C ASP A 252 -17.22 12.29 -9.81
N LEU A 253 -16.38 13.33 -9.59
CA LEU A 253 -15.97 13.69 -8.24
C LEU A 253 -17.16 14.24 -7.44
N TYR A 254 -17.94 15.12 -8.07
CA TYR A 254 -19.13 15.66 -7.40
C TYR A 254 -20.18 14.58 -7.18
N ASP A 255 -20.27 13.57 -8.08
CA ASP A 255 -21.23 12.48 -7.86
C ASP A 255 -20.79 11.64 -6.66
N TYR A 256 -19.47 11.42 -6.50
CA TYR A 256 -18.89 10.68 -5.37
C TYR A 256 -19.18 11.37 -4.06
N ILE A 257 -18.86 12.69 -3.97
CA ILE A 257 -19.13 13.40 -2.72
C ILE A 257 -20.64 13.48 -2.45
N ASP A 258 -21.47 13.59 -3.51
CA ASP A 258 -22.94 13.62 -3.32
C ASP A 258 -23.47 12.29 -2.77
N LYS A 259 -22.99 11.17 -3.32
CA LYS A 259 -23.37 9.82 -2.88
C LYS A 259 -23.09 9.63 -1.39
N TYR A 260 -21.92 10.05 -0.93
CA TYR A 260 -21.58 9.83 0.48
C TYR A 260 -21.93 11.01 1.36
N ASN A 261 -22.65 12.01 0.79
CA ASN A 261 -23.11 13.19 1.56
C ASN A 261 -21.91 13.87 2.26
N ILE A 262 -20.77 14.00 1.52
CA ILE A 262 -19.52 14.59 2.01
C ILE A 262 -19.58 16.08 1.75
N GLU A 263 -19.07 16.83 2.72
CA GLU A 263 -18.92 18.29 2.60
C GLU A 263 -17.47 18.56 2.13
N LEU A 264 -17.29 18.98 0.89
CA LEU A 264 -15.93 19.28 0.40
C LEU A 264 -15.38 20.50 1.13
N ASP A 265 -14.08 20.48 1.49
CA ASP A 265 -13.43 21.63 2.13
C ASP A 265 -13.65 22.84 1.20
N PRO A 266 -14.17 23.99 1.69
CA PRO A 266 -14.43 25.14 0.79
C PRO A 266 -13.18 25.68 0.08
N ARG A 267 -11.98 25.31 0.58
CA ARG A 267 -10.68 25.67 -0.01
C ARG A 267 -10.65 25.17 -1.49
N PHE A 268 -11.43 24.10 -1.79
CA PHE A 268 -11.49 23.55 -3.14
C PHE A 268 -12.31 24.36 -4.15
N ASN A 269 -13.18 25.28 -3.67
CA ASN A 269 -14.05 26.06 -4.56
C ASN A 269 -13.29 26.94 -5.56
N ASP A 270 -12.14 27.46 -5.17
CA ASP A 270 -11.34 28.32 -6.05
C ASP A 270 -10.26 27.57 -6.86
N ILE A 271 -10.00 26.27 -6.58
CA ILE A 271 -8.90 25.55 -7.26
C ILE A 271 -9.29 24.32 -8.12
N LEU A 272 -10.43 23.70 -7.86
CA LEU A 272 -10.84 22.49 -8.56
C LEU A 272 -11.16 22.70 -10.04
N GLY A 273 -11.79 23.86 -10.37
CA GLY A 273 -12.22 24.15 -11.73
C GLY A 273 -13.24 23.15 -12.25
N ARG A 274 -13.36 23.06 -13.57
CA ARG A 274 -14.28 22.12 -14.24
C ARG A 274 -13.48 21.37 -15.28
N HIS A 275 -13.41 20.03 -15.12
CA HIS A 275 -12.61 19.21 -16.03
C HIS A 275 -13.41 18.04 -16.50
N SER A 276 -13.22 17.65 -17.74
CA SER A 276 -13.88 16.45 -18.23
C SER A 276 -12.92 15.31 -18.04
N ARG A 277 -13.47 14.09 -17.95
CA ARG A 277 -12.65 12.89 -17.91
C ARG A 277 -11.85 12.81 -19.19
N LYS A 278 -10.59 12.42 -19.06
CA LYS A 278 -9.70 12.26 -20.19
C LYS A 278 -9.61 10.78 -20.54
N ARG A 279 -9.62 10.47 -21.84
CA ARG A 279 -9.47 9.06 -22.23
C ARG A 279 -8.04 8.65 -21.95
N TRP A 280 -7.83 7.42 -21.46
CA TRP A 280 -6.48 6.96 -21.08
C TRP A 280 -5.46 7.03 -22.19
N GLU A 281 -5.92 6.96 -23.45
CA GLU A 281 -5.05 7.09 -24.64
C GLU A 281 -4.33 8.47 -24.70
N ARG A 282 -4.88 9.46 -24.01
CA ARG A 282 -4.27 10.81 -23.96
C ARG A 282 -2.86 10.75 -23.37
N PHE A 283 -2.58 9.75 -22.53
CA PHE A 283 -1.29 9.66 -21.84
C PHE A 283 -0.24 8.76 -22.55
N VAL A 284 -0.61 8.18 -23.67
CA VAL A 284 0.24 7.29 -24.49
C VAL A 284 1.11 8.13 -25.38
N HIS A 285 2.39 7.75 -25.48
CA HIS A 285 3.32 8.45 -26.34
C HIS A 285 4.40 7.48 -26.80
N SER A 286 5.32 7.90 -27.69
CA SER A 286 6.27 6.95 -28.24
C SER A 286 7.20 6.28 -27.19
N GLU A 287 7.45 6.94 -26.07
CA GLU A 287 8.34 6.46 -25.00
C GLU A 287 7.65 5.54 -23.98
N ASN A 288 6.30 5.39 -24.03
CA ASN A 288 5.65 4.44 -23.10
C ASN A 288 4.81 3.43 -23.87
N GLN A 289 4.77 3.52 -25.21
CA GLN A 289 3.91 2.64 -26.01
C GLN A 289 4.17 1.15 -25.74
N HIS A 290 5.43 0.82 -25.50
CA HIS A 290 5.85 -0.56 -25.24
C HIS A 290 5.27 -1.16 -23.96
N LEU A 291 4.66 -0.33 -23.10
CA LEU A 291 4.10 -0.80 -21.83
C LEU A 291 2.58 -0.70 -21.79
N VAL A 292 1.97 -0.14 -22.84
CA VAL A 292 0.56 0.09 -22.90
C VAL A 292 -0.10 -0.91 -23.81
N SER A 293 -1.29 -1.36 -23.42
CA SER A 293 -2.13 -2.25 -24.17
C SER A 293 -3.57 -1.92 -23.82
N PRO A 294 -4.55 -2.34 -24.63
CA PRO A 294 -5.95 -2.11 -24.25
C PRO A 294 -6.28 -2.77 -22.90
N GLU A 295 -5.72 -3.99 -22.62
CA GLU A 295 -5.96 -4.64 -21.31
C GLU A 295 -5.35 -3.83 -20.15
N ALA A 296 -4.13 -3.27 -20.33
CA ALA A 296 -3.54 -2.44 -19.27
C ALA A 296 -4.42 -1.23 -18.97
N LEU A 297 -4.91 -0.54 -20.00
CA LEU A 297 -5.76 0.62 -19.80
C LEU A 297 -7.07 0.27 -19.17
N ASP A 298 -7.69 -0.85 -19.59
CA ASP A 298 -8.96 -1.25 -19.00
C ASP A 298 -8.78 -1.58 -17.50
N PHE A 299 -7.66 -2.27 -17.18
CA PHE A 299 -7.39 -2.63 -15.79
C PHE A 299 -7.18 -1.37 -14.98
N LEU A 300 -6.34 -0.46 -15.50
CA LEU A 300 -6.10 0.79 -14.77
C LEU A 300 -7.40 1.56 -14.54
N ASP A 301 -8.27 1.60 -15.56
CA ASP A 301 -9.52 2.33 -15.46
C ASP A 301 -10.40 1.82 -14.32
N LYS A 302 -10.33 0.51 -14.04
CA LYS A 302 -11.12 -0.14 -13.02
C LYS A 302 -10.54 -0.04 -11.61
N LEU A 303 -9.26 0.42 -11.48
CA LEU A 303 -8.65 0.67 -10.16
C LEU A 303 -8.86 2.14 -9.79
N LEU A 304 -8.57 3.04 -10.77
CA LEU A 304 -8.61 4.47 -10.52
C LEU A 304 -10.01 5.06 -10.64
N ARG A 305 -10.84 4.74 -9.66
CA ARG A 305 -12.19 5.26 -9.59
C ARG A 305 -12.37 6.04 -8.32
N TYR A 306 -13.07 7.18 -8.40
CA TYR A 306 -13.30 7.93 -7.16
C TYR A 306 -14.03 7.07 -6.12
N ASP A 307 -15.17 6.47 -6.53
CA ASP A 307 -15.97 5.71 -5.58
C ASP A 307 -15.22 4.44 -5.16
N HIS A 308 -14.76 4.43 -3.91
CA HIS A 308 -13.99 3.31 -3.37
C HIS A 308 -14.75 2.01 -3.46
N GLN A 309 -16.08 2.05 -3.44
CA GLN A 309 -16.87 0.81 -3.54
C GLN A 309 -16.94 0.24 -4.94
N SER A 310 -16.56 1.04 -5.96
N SER A 310 -16.55 1.02 -5.97
CA SER A 310 -16.64 0.67 -7.36
CA SER A 310 -16.65 0.56 -7.35
C SER A 310 -15.33 0.15 -7.95
C SER A 310 -15.34 -0.02 -7.88
N ARG A 311 -14.22 0.18 -7.16
CA ARG A 311 -12.93 -0.30 -7.63
C ARG A 311 -12.88 -1.81 -7.63
N LEU A 312 -12.07 -2.39 -8.54
CA LEU A 312 -11.88 -3.84 -8.45
C LEU A 312 -11.30 -4.19 -7.08
N THR A 313 -11.73 -5.34 -6.52
CA THR A 313 -11.04 -5.88 -5.34
C THR A 313 -9.75 -6.59 -5.83
N ALA A 314 -8.85 -6.96 -4.89
CA ALA A 314 -7.63 -7.63 -5.31
C ALA A 314 -7.93 -8.95 -6.03
N ARG A 315 -8.92 -9.71 -5.52
CA ARG A 315 -9.26 -10.99 -6.13
C ARG A 315 -9.90 -10.77 -7.53
N GLU A 316 -10.79 -9.75 -7.68
CA GLU A 316 -11.35 -9.47 -9.02
C GLU A 316 -10.22 -9.05 -9.96
N ALA A 317 -9.28 -8.20 -9.44
CA ALA A 317 -8.16 -7.77 -10.29
C ALA A 317 -7.37 -8.95 -10.85
N MET A 318 -7.17 -10.01 -10.04
CA MET A 318 -6.40 -11.16 -10.51
C MET A 318 -7.04 -11.92 -11.70
N GLU A 319 -8.36 -11.70 -11.87
CA GLU A 319 -9.16 -12.31 -12.94
C GLU A 319 -9.02 -11.52 -14.25
N HIS A 320 -8.41 -10.32 -14.20
CA HIS A 320 -8.42 -9.46 -15.38
C HIS A 320 -7.58 -9.95 -16.53
N PRO A 321 -8.07 -9.72 -17.77
CA PRO A 321 -7.30 -10.09 -18.98
C PRO A 321 -5.84 -9.59 -19.02
N TYR A 322 -5.51 -8.45 -18.36
CA TYR A 322 -4.13 -7.98 -18.34
C TYR A 322 -3.15 -9.10 -17.89
N PHE A 323 -3.66 -10.01 -17.03
CA PHE A 323 -2.81 -11.08 -16.51
C PHE A 323 -2.86 -12.38 -17.27
N TYR A 324 -3.66 -12.47 -18.36
CA TYR A 324 -3.74 -13.74 -19.09
C TYR A 324 -2.38 -14.19 -19.61
N THR A 325 -1.51 -13.25 -19.99
CA THR A 325 -0.19 -13.58 -20.50
C THR A 325 0.82 -14.04 -19.44
N VAL A 326 0.51 -13.81 -18.16
CA VAL A 326 1.44 -14.19 -17.09
C VAL A 326 1.38 -15.68 -16.84
N VAL A 327 2.56 -16.34 -16.87
CA VAL A 327 2.66 -17.78 -16.57
C VAL A 327 2.26 -18.03 -15.14
N LYS A 328 1.24 -18.91 -14.92
CA LYS A 328 0.76 -19.34 -13.61
C LYS A 328 1.01 -20.85 -13.47
C1 KC0 B . 6.39 -3.65 -8.77
C2 KC0 B . 7.16 -3.39 -7.65
N1 KC0 B . 7.40 2.25 -9.68
C3 KC0 B . 8.00 -2.27 -7.64
C7 KC0 B . 8.34 1.62 -9.49
C6 KC0 B . 9.47 0.72 -9.30
C5 KC0 B . 9.08 -0.43 -8.45
C4 KC0 B . 9.50 -0.69 -7.18
N KC0 B . 8.84 -1.78 -6.68
C8 KC0 B . 8.12 -1.43 -8.77
C9 KC0 B . 7.35 -1.73 -9.90
C KC0 B . 6.51 -2.83 -9.88
BR KC0 B . 5.52 -3.26 -11.45
PB ADP C . 11.16 3.86 6.99
O1B ADP C . 10.73 5.09 6.24
O2B ADP C . 10.07 2.83 7.12
O3B ADP C . 11.82 4.19 8.31
PA ADP C . 13.79 3.61 5.68
O1A ADP C . 13.73 4.71 4.68
O2A ADP C . 14.58 3.84 6.92
O3A ADP C . 12.31 3.16 6.09
O5' ADP C . 14.32 2.27 4.95
C5' ADP C . 15.74 2.13 4.74
C4' ADP C . 16.01 1.00 3.79
O4' ADP C . 15.56 -0.26 4.36
C3' ADP C . 15.31 1.07 2.42
O3' ADP C . 16.25 1.38 1.41
C2' ADP C . 14.71 -0.34 2.22
O2' ADP C . 14.93 -0.85 0.94
C1' ADP C . 15.45 -1.15 3.29
N9 ADP C . 14.75 -2.35 3.72
C8 ADP C . 13.64 -2.42 4.52
N7 ADP C . 13.25 -3.65 4.76
C5 ADP C . 14.16 -4.44 4.08
C6 ADP C . 14.29 -5.84 3.95
N6 ADP C . 13.47 -6.72 4.52
N1 ADP C . 15.34 -6.30 3.22
C2 ADP C . 16.16 -5.42 2.66
N3 ADP C . 16.14 -4.09 2.71
C4 ADP C . 15.10 -3.65 3.45
#